data_9OGW
#
_entry.id   9OGW
#
_cell.length_a   43.998
_cell.length_b   63.103
_cell.length_c   108.205
_cell.angle_alpha   90.00
_cell.angle_beta   90.00
_cell.angle_gamma   90.00
#
_symmetry.space_group_name_H-M   'P 21 21 21'
#
loop_
_entity.id
_entity.type
_entity.pdbx_description
1 polymer 'E3 ubiquitin-protein ligase CBL-C'
2 non-polymer '2-{[(thiophen-3-yl)methyl]amino}benzoic acid'
3 water water
#
_entity_poly.entity_id   1
_entity_poly.type   'polypeptide(L)'
_entity_poly.pdbx_seq_one_letter_code
;VAPWGRQWEEARALGRAVRMLQRLEEQCVDPRLSVSPPSLRDLLPRTAQLLREVAHSRRAAGGGGPGGPGGSGDFLLIYL
ANLEAKSRQVAALLPPRGRRSANDELFRAGSRLRRQLAKLAIIFSHMHAELHALFPGGKYCGHMYQLTKAPAHTFWRESC
GARCVLPWAEFESLLGTCHPVEPGCTALALRTTIDLTCSGHVSIFEFDVFTRLFQPWPTLLKNWQLLAVNHPGYMAFLTY
DEVQERLQACRDKPGSYIFRPSCTRLGQWAIGYVSSDGSILQTIPANKPLSQVLLEGQKDGFYLYPDGKTHNPDLTEL
;
_entity_poly.pdbx_strand_id   A
#
# COMPACT_ATOMS: atom_id res chain seq x y z
N VAL A 1 -19.30 16.52 16.00
CA VAL A 1 -17.95 16.99 15.71
C VAL A 1 -17.56 16.70 14.24
N ALA A 2 -17.35 17.78 13.49
CA ALA A 2 -17.05 17.69 12.06
C ALA A 2 -15.85 16.77 11.79
N PRO A 3 -15.83 16.06 10.64
CA PRO A 3 -16.76 16.21 9.50
C PRO A 3 -18.12 15.48 9.60
N TRP A 4 -18.32 14.71 10.68
CA TRP A 4 -19.59 14.07 10.93
C TRP A 4 -20.66 15.12 11.24
N GLY A 5 -21.89 14.86 10.80
CA GLY A 5 -22.95 15.83 10.92
C GLY A 5 -23.85 15.63 12.11
N ARG A 6 -24.17 14.38 12.43
CA ARG A 6 -25.07 14.06 13.54
C ARG A 6 -24.30 13.30 14.64
N GLN A 7 -24.89 13.29 15.84
CA GLN A 7 -24.22 12.78 17.05
C GLN A 7 -23.56 11.44 16.82
N TRP A 8 -24.35 10.39 16.64
CA TRP A 8 -23.82 9.02 16.64
C TRP A 8 -23.57 8.46 15.23
N GLU A 9 -23.35 9.31 14.22
CA GLU A 9 -23.27 8.69 12.91
C GLU A 9 -21.91 8.07 12.61
N GLU A 10 -20.81 8.52 13.26
CA GLU A 10 -19.55 7.80 13.12
C GLU A 10 -19.60 6.41 13.75
N ALA A 11 -20.21 6.30 14.92
CA ALA A 11 -20.42 5.01 15.57
C ALA A 11 -21.20 4.07 14.65
N ARG A 12 -22.26 4.59 14.04
CA ARG A 12 -23.08 3.76 13.15
C ARG A 12 -22.29 3.34 11.93
N ALA A 13 -21.45 4.23 11.38
CA ALA A 13 -20.63 3.85 10.23
C ALA A 13 -19.66 2.75 10.59
N LEU A 14 -19.09 2.81 11.80
CA LEU A 14 -18.17 1.75 12.23
C LEU A 14 -18.90 0.42 12.39
N GLY A 15 -20.06 0.42 13.05
CA GLY A 15 -20.86 -0.79 13.11
C GLY A 15 -21.19 -1.35 11.73
N ARG A 16 -21.55 -0.47 10.79
CA ARG A 16 -21.84 -0.90 9.42
C ARG A 16 -20.65 -1.59 8.81
N ALA A 17 -19.48 -0.96 8.92
CA ALA A 17 -18.25 -1.52 8.37
C ALA A 17 -17.96 -2.91 8.94
N VAL A 18 -18.13 -3.10 10.26
CA VAL A 18 -17.83 -4.40 10.83
C VAL A 18 -18.77 -5.45 10.27
N ARG A 19 -20.08 -5.14 10.22
CA ARG A 19 -21.04 -6.12 9.71
C ARG A 19 -20.79 -6.44 8.24
N MET A 20 -20.38 -5.43 7.47
CA MET A 20 -20.06 -5.61 6.06
C MET A 20 -18.87 -6.53 5.88
N LEU A 21 -17.81 -6.34 6.68
CA LEU A 21 -16.67 -7.25 6.61
C LEU A 21 -17.03 -8.66 7.08
N GLN A 22 -18.00 -8.78 7.99
CA GLN A 22 -18.46 -10.11 8.40
C GLN A 22 -19.11 -10.85 7.23
N ARG A 23 -20.06 -10.19 6.56
CA ARG A 23 -20.64 -10.77 5.35
C ARG A 23 -19.57 -11.08 4.29
N LEU A 24 -18.69 -10.14 4.01
CA LEU A 24 -17.69 -10.36 2.97
C LEU A 24 -16.81 -11.55 3.29
N GLU A 25 -16.47 -11.74 4.57
CA GLU A 25 -15.73 -12.93 4.96
C GLU A 25 -16.55 -14.19 4.71
N GLU A 26 -17.88 -14.11 4.90
CA GLU A 26 -18.72 -15.27 4.59
C GLU A 26 -18.63 -15.65 3.12
N GLN A 27 -18.42 -14.67 2.23
CA GLN A 27 -18.32 -14.97 0.81
C GLN A 27 -16.97 -15.54 0.38
N CYS A 28 -16.01 -15.74 1.29
CA CYS A 28 -14.67 -16.21 0.96
C CYS A 28 -14.44 -17.66 1.40
N VAL A 29 -15.47 -18.49 1.32
CA VAL A 29 -15.35 -19.85 1.82
C VAL A 29 -14.49 -20.74 0.93
N ASP A 30 -14.19 -20.31 -0.30
CA ASP A 30 -13.50 -21.19 -1.26
C ASP A 30 -12.13 -21.59 -0.71
N PRO A 31 -11.83 -22.89 -0.61
CA PRO A 31 -10.52 -23.31 -0.11
C PRO A 31 -9.39 -23.10 -1.11
N ARG A 32 -9.68 -22.68 -2.33
CA ARG A 32 -8.64 -22.19 -3.22
C ARG A 32 -8.22 -20.82 -2.72
N LEU A 33 -8.44 -19.79 -3.54
CA LEU A 33 -8.19 -18.40 -3.15
C LEU A 33 -6.73 -18.15 -2.80
N SER A 34 -6.28 -18.75 -1.68
CA SER A 34 -4.90 -18.95 -1.23
C SER A 34 -4.78 -18.60 0.24
N VAL A 35 -3.65 -18.98 0.85
CA VAL A 35 -3.23 -18.45 2.14
C VAL A 35 -2.03 -17.53 2.02
N SER A 36 -1.46 -17.39 0.82
CA SER A 36 -0.26 -16.57 0.62
C SER A 36 -0.61 -15.09 0.77
N PRO A 37 0.08 -14.35 1.64
CA PRO A 37 -0.27 -12.95 1.86
C PRO A 37 -0.10 -12.14 0.59
N PRO A 38 -1.02 -11.21 0.31
CA PRO A 38 -2.20 -10.90 1.15
C PRO A 38 -3.40 -11.82 0.87
N SER A 39 -4.02 -12.38 1.89
CA SER A 39 -5.19 -13.23 1.69
C SER A 39 -6.38 -12.61 2.42
N LEU A 40 -7.48 -12.40 1.67
CA LEU A 40 -8.70 -11.86 2.25
C LEU A 40 -9.19 -12.72 3.44
N ARG A 41 -9.09 -14.05 3.31
CA ARG A 41 -9.58 -14.96 4.37
C ARG A 41 -9.07 -14.61 5.77
N ASP A 42 -7.90 -13.96 5.88
CA ASP A 42 -7.36 -13.54 7.18
C ASP A 42 -7.41 -12.03 7.40
N LEU A 43 -7.22 -11.24 6.34
CA LEU A 43 -7.26 -9.78 6.47
C LEU A 43 -8.62 -9.30 6.90
N LEU A 44 -9.69 -9.93 6.41
CA LEU A 44 -11.03 -9.42 6.70
C LEU A 44 -11.37 -9.55 8.18
N PRO A 45 -11.18 -10.70 8.84
CA PRO A 45 -11.45 -10.75 10.28
C PRO A 45 -10.52 -9.86 11.10
N ARG A 46 -9.24 -9.76 10.71
CA ARG A 46 -8.33 -8.85 11.39
C ARG A 46 -8.80 -7.41 11.26
N THR A 47 -9.20 -7.02 10.06
CA THR A 47 -9.63 -5.64 9.89
C THR A 47 -10.94 -5.39 10.64
N ALA A 48 -11.87 -6.36 10.59
CA ALA A 48 -13.11 -6.22 11.35
C ALA A 48 -12.81 -6.05 12.85
N GLN A 49 -11.88 -6.85 13.40
CA GLN A 49 -11.57 -6.74 14.82
C GLN A 49 -10.91 -5.41 15.16
N LEU A 50 -10.00 -4.95 14.31
CA LEU A 50 -9.44 -3.61 14.46
C LEU A 50 -10.54 -2.56 14.53
N LEU A 51 -11.54 -2.66 13.63
CA LEU A 51 -12.64 -1.70 13.62
C LEU A 51 -13.50 -1.83 14.89
N ARG A 52 -13.64 -3.04 15.41
CA ARG A 52 -14.35 -3.21 16.69
C ARG A 52 -13.59 -2.50 17.81
N GLU A 53 -12.26 -2.62 17.82
CA GLU A 53 -11.46 -1.94 18.83
C GLU A 53 -11.56 -0.42 18.68
N VAL A 54 -11.47 0.08 17.45
CA VAL A 54 -11.67 1.51 17.16
C VAL A 54 -13.04 1.96 17.69
N ALA A 55 -14.09 1.18 17.40
CA ALA A 55 -15.44 1.53 17.83
C ALA A 55 -15.53 1.62 19.35
N HIS A 56 -15.02 0.60 20.05
CA HIS A 56 -15.09 0.63 21.51
C HIS A 56 -14.30 1.82 22.07
N SER A 57 -13.12 2.04 21.52
CA SER A 57 -12.28 3.14 21.98
C SER A 57 -12.96 4.49 21.79
N ARG A 58 -13.61 4.70 20.64
CA ARG A 58 -14.21 6.00 20.41
C ARG A 58 -15.54 6.14 21.10
N ARG A 59 -16.24 5.04 21.39
CA ARG A 59 -17.41 5.12 22.25
C ARG A 59 -17.02 5.56 23.66
N ALA A 60 -16.00 4.91 24.23
CA ALA A 60 -15.56 5.29 25.57
C ALA A 60 -15.07 6.73 25.60
N ALA A 61 -14.43 7.17 24.52
CA ALA A 61 -13.90 8.53 24.44
C ALA A 61 -14.94 9.57 24.02
N GLY A 62 -16.05 9.14 23.43
CA GLY A 62 -17.11 9.96 22.87
C GLY A 62 -16.89 11.18 21.98
N GLY A 63 -16.14 11.16 20.88
CA GLY A 63 -15.37 10.07 20.35
C GLY A 63 -13.93 10.47 20.04
N GLY A 64 -13.71 11.58 19.32
CA GLY A 64 -12.39 11.93 18.85
C GLY A 64 -11.84 13.19 19.50
N GLY A 65 -10.70 13.64 18.95
CA GLY A 65 -10.07 14.86 19.40
C GLY A 65 -10.70 16.08 18.76
N PRO A 66 -9.89 17.10 18.45
CA PRO A 66 -10.42 18.26 17.74
C PRO A 66 -11.02 17.83 16.40
N GLY A 67 -12.11 18.45 16.04
CA GLY A 67 -12.74 18.15 14.78
C GLY A 67 -12.06 18.81 13.60
N GLY A 68 -12.54 18.48 12.41
CA GLY A 68 -12.12 19.15 11.21
C GLY A 68 -11.34 18.27 10.24
N PRO A 69 -11.05 18.82 9.07
CA PRO A 69 -10.30 18.05 8.06
C PRO A 69 -8.93 17.63 8.55
N GLY A 70 -8.58 16.35 8.30
CA GLY A 70 -7.26 15.84 8.58
C GLY A 70 -7.04 15.20 9.94
N GLY A 71 -8.04 15.25 10.83
CA GLY A 71 -7.97 14.59 12.11
C GLY A 71 -8.54 13.19 12.04
N SER A 72 -8.75 12.61 13.23
CA SER A 72 -9.10 11.20 13.28
C SER A 72 -10.50 10.96 12.74
N GLY A 73 -11.42 11.88 13.03
CA GLY A 73 -12.77 11.71 12.53
C GLY A 73 -12.84 11.79 11.01
N ASP A 74 -12.19 12.79 10.45
CA ASP A 74 -12.08 12.91 8.99
C ASP A 74 -11.43 11.68 8.39
N PHE A 75 -10.33 11.22 9.01
CA PHE A 75 -9.69 10.02 8.52
C PHE A 75 -10.68 8.88 8.47
N LEU A 76 -11.44 8.69 9.56
CA LEU A 76 -12.33 7.55 9.62
C LEU A 76 -13.45 7.69 8.60
N LEU A 77 -13.98 8.89 8.42
CA LEU A 77 -15.05 9.07 7.43
C LEU A 77 -14.59 8.61 6.05
N ILE A 78 -13.40 9.07 5.65
CA ILE A 78 -12.88 8.73 4.32
C ILE A 78 -12.51 7.25 4.27
N TYR A 79 -11.84 6.77 5.32
CA TYR A 79 -11.41 5.38 5.37
C TYR A 79 -12.60 4.44 5.26
N LEU A 80 -13.67 4.70 6.01
CA LEU A 80 -14.82 3.81 5.99
C LEU A 80 -15.57 3.89 4.66
N ALA A 81 -15.67 5.09 4.06
CA ALA A 81 -16.25 5.18 2.73
C ALA A 81 -15.45 4.36 1.72
N ASN A 82 -14.13 4.45 1.80
CA ASN A 82 -13.24 3.69 0.93
C ASN A 82 -13.38 2.18 1.18
N LEU A 83 -13.38 1.77 2.45
CA LEU A 83 -13.55 0.37 2.79
C LEU A 83 -14.84 -0.19 2.22
N GLU A 84 -15.93 0.58 2.31
CA GLU A 84 -17.20 0.16 1.77
C GLU A 84 -17.15 0.02 0.25
N ALA A 85 -16.54 1.01 -0.43
CA ALA A 85 -16.48 0.93 -1.90
C ALA A 85 -15.67 -0.29 -2.34
N LYS A 86 -14.51 -0.50 -1.71
CA LYS A 86 -13.67 -1.65 -2.05
C LYS A 86 -14.35 -2.97 -1.72
N SER A 87 -15.05 -3.03 -0.57
CA SER A 87 -15.80 -4.23 -0.24
C SER A 87 -16.85 -4.53 -1.31
N ARG A 88 -17.54 -3.52 -1.81
CA ARG A 88 -18.53 -3.74 -2.85
C ARG A 88 -17.88 -4.31 -4.11
N GLN A 89 -16.70 -3.80 -4.47
CA GLN A 89 -16.02 -4.34 -5.65
C GLN A 89 -15.63 -5.80 -5.44
N VAL A 90 -15.13 -6.13 -4.24
CA VAL A 90 -14.78 -7.52 -3.93
C VAL A 90 -16.02 -8.40 -3.98
N ALA A 91 -17.08 -7.97 -3.31
CA ALA A 91 -18.32 -8.74 -3.26
C ALA A 91 -18.87 -8.97 -4.66
N ALA A 92 -18.64 -8.04 -5.57
CA ALA A 92 -19.10 -8.27 -6.93
C ALA A 92 -18.24 -9.32 -7.62
N LEU A 93 -16.97 -9.45 -7.24
CA LEU A 93 -16.17 -10.52 -7.83
C LEU A 93 -16.47 -11.91 -7.26
N LEU A 94 -16.97 -12.00 -6.02
CA LEU A 94 -17.10 -13.27 -5.31
C LEU A 94 -18.51 -13.82 -5.44
N PRO A 95 -18.71 -15.11 -5.15
CA PRO A 95 -20.03 -15.74 -5.40
C PRO A 95 -21.06 -15.32 -4.38
N PRO A 96 -22.35 -15.51 -4.68
CA PRO A 96 -23.55 -15.20 -3.89
C PRO A 96 -23.43 -15.64 -2.44
N ASN A 103 -17.56 -22.47 -3.81
CA ASN A 103 -16.72 -22.37 -5.00
C ASN A 103 -16.97 -21.07 -5.75
N ASP A 104 -15.88 -20.35 -6.07
CA ASP A 104 -15.95 -19.09 -6.78
C ASP A 104 -15.55 -19.28 -8.24
N GLU A 105 -15.59 -18.18 -9.01
CA GLU A 105 -15.27 -18.22 -10.43
C GLU A 105 -13.83 -18.69 -10.66
N LEU A 106 -13.64 -19.58 -11.63
CA LEU A 106 -12.38 -20.28 -11.82
C LEU A 106 -11.33 -19.38 -12.46
N PHE A 107 -10.26 -19.07 -11.70
CA PHE A 107 -9.07 -18.36 -12.21
C PHE A 107 -7.86 -18.80 -11.40
N ARG A 108 -6.93 -19.57 -11.99
CA ARG A 108 -6.70 -19.90 -13.43
C ARG A 108 -6.27 -18.62 -14.19
N ALA A 109 -5.31 -17.93 -13.56
CA ALA A 109 -4.75 -16.68 -14.04
C ALA A 109 -3.24 -16.81 -14.16
N GLY A 110 -2.61 -15.97 -15.01
CA GLY A 110 -3.22 -15.17 -16.07
C GLY A 110 -4.28 -14.10 -15.83
N SER A 111 -5.46 -14.39 -16.40
CA SER A 111 -6.78 -13.82 -16.15
C SER A 111 -6.88 -12.38 -15.68
N ARG A 112 -7.73 -11.61 -16.37
CA ARG A 112 -8.11 -10.28 -15.92
C ARG A 112 -8.74 -10.33 -14.53
N LEU A 113 -9.59 -11.32 -14.28
CA LEU A 113 -10.35 -11.31 -13.03
C LEU A 113 -9.47 -11.65 -11.82
N ARG A 114 -8.56 -12.60 -11.95
CA ARG A 114 -7.72 -12.87 -10.80
C ARG A 114 -6.71 -11.75 -10.57
N ARG A 115 -6.30 -11.04 -11.64
CA ARG A 115 -5.53 -9.81 -11.43
C ARG A 115 -6.33 -8.77 -10.65
N GLN A 116 -7.61 -8.56 -11.02
CA GLN A 116 -8.43 -7.60 -10.28
C GLN A 116 -8.56 -7.99 -8.82
N LEU A 117 -8.85 -9.27 -8.56
CA LEU A 117 -9.02 -9.75 -7.19
C LEU A 117 -7.71 -9.62 -6.40
N ALA A 118 -6.58 -9.93 -7.03
CA ALA A 118 -5.30 -9.77 -6.35
C ALA A 118 -5.05 -8.32 -6.01
N LYS A 119 -5.36 -7.39 -6.92
CA LYS A 119 -5.16 -5.97 -6.61
C LYS A 119 -6.03 -5.55 -5.43
N LEU A 120 -7.30 -5.98 -5.42
CA LEU A 120 -8.18 -5.70 -4.29
C LEU A 120 -7.63 -6.28 -2.99
N ALA A 121 -7.07 -7.49 -3.05
CA ALA A 121 -6.45 -8.07 -1.86
C ALA A 121 -5.30 -7.21 -1.38
N ILE A 122 -4.48 -6.73 -2.31
CA ILE A 122 -3.40 -5.84 -1.92
C ILE A 122 -3.96 -4.60 -1.25
N ILE A 123 -5.03 -4.04 -1.81
CA ILE A 123 -5.56 -2.79 -1.26
C ILE A 123 -6.12 -3.05 0.13
N PHE A 124 -6.71 -4.23 0.35
CA PHE A 124 -7.19 -4.56 1.68
C PHE A 124 -6.04 -4.69 2.66
N SER A 125 -4.94 -5.32 2.25
CA SER A 125 -3.74 -5.36 3.08
C SER A 125 -3.26 -3.96 3.45
N HIS A 126 -3.23 -3.04 2.49
CA HIS A 126 -2.84 -1.65 2.74
C HIS A 126 -3.82 -0.93 3.66
N MET A 127 -5.13 -1.14 3.48
CA MET A 127 -6.10 -0.52 4.38
C MET A 127 -5.92 -1.04 5.80
N HIS A 128 -5.70 -2.35 5.95
CA HIS A 128 -5.49 -2.91 7.27
C HIS A 128 -4.26 -2.28 7.92
N ALA A 129 -3.16 -2.20 7.16
CA ALA A 129 -1.91 -1.68 7.72
C ALA A 129 -2.03 -0.21 8.08
N GLU A 130 -2.70 0.56 7.24
CA GLU A 130 -2.92 1.97 7.52
C GLU A 130 -3.71 2.14 8.81
N LEU A 131 -4.83 1.42 8.92
CA LEU A 131 -5.63 1.55 10.13
C LEU A 131 -4.85 1.12 11.36
N HIS A 132 -4.15 -0.02 11.25
CA HIS A 132 -3.37 -0.52 12.37
C HIS A 132 -2.28 0.46 12.79
N ALA A 133 -1.67 1.15 11.82
CA ALA A 133 -0.60 2.09 12.12
C ALA A 133 -1.14 3.34 12.79
N LEU A 134 -2.34 3.78 12.39
CA LEU A 134 -2.87 5.02 12.92
C LEU A 134 -3.74 4.81 14.15
N PHE A 135 -4.20 3.59 14.40
CA PHE A 135 -5.10 3.34 15.50
C PHE A 135 -4.69 2.07 16.24
N PRO A 136 -3.44 1.95 16.69
CA PRO A 136 -3.03 0.71 17.35
C PRO A 136 -3.88 0.46 18.58
N GLY A 137 -4.41 -0.77 18.69
CA GLY A 137 -5.29 -1.08 19.80
C GLY A 137 -6.59 -0.31 19.78
N GLY A 138 -6.97 0.23 18.61
CA GLY A 138 -8.11 1.10 18.45
C GLY A 138 -7.92 2.53 18.87
N LYS A 139 -6.70 2.93 19.28
CA LYS A 139 -6.42 4.22 19.89
C LYS A 139 -5.67 5.10 18.88
N TYR A 140 -6.31 6.18 18.45
CA TYR A 140 -5.71 7.05 17.45
C TYR A 140 -4.39 7.61 17.95
N CYS A 141 -3.36 7.55 17.11
CA CYS A 141 -2.06 8.12 17.40
C CYS A 141 -1.54 9.02 16.29
N GLY A 142 -2.39 9.37 15.32
CA GLY A 142 -1.94 10.18 14.20
C GLY A 142 -1.26 11.46 14.59
N HIS A 143 -1.70 12.10 15.68
CA HIS A 143 -1.06 13.35 16.09
C HIS A 143 0.33 13.14 16.67
N MET A 144 0.70 11.90 17.00
CA MET A 144 2.01 11.61 17.57
C MET A 144 2.88 10.78 16.64
N TYR A 145 2.33 10.34 15.52
CA TYR A 145 2.99 9.44 14.59
C TYR A 145 4.33 10.00 14.17
N GLN A 146 5.34 9.13 14.15
CA GLN A 146 6.71 9.49 13.78
C GLN A 146 7.06 8.81 12.46
N LEU A 147 7.32 9.61 11.43
CA LEU A 147 7.82 9.01 10.21
C LEU A 147 9.24 8.50 10.43
N THR A 148 9.60 7.48 9.66
CA THR A 148 10.89 6.83 9.85
C THR A 148 12.04 7.73 9.39
N LYS A 149 11.88 8.37 8.23
CA LYS A 149 12.93 9.20 7.68
C LYS A 149 12.74 10.61 8.23
N ALA A 150 13.70 11.07 9.04
CA ALA A 150 13.59 12.37 9.71
C ALA A 150 13.28 13.52 8.77
N PRO A 151 13.96 13.71 7.63
CA PRO A 151 13.53 14.78 6.72
C PRO A 151 12.09 14.66 6.30
N ALA A 152 11.59 13.45 6.08
CA ALA A 152 10.19 13.29 5.72
C ALA A 152 9.28 13.66 6.89
N HIS A 153 9.69 13.29 8.10
CA HIS A 153 8.92 13.68 9.27
C HIS A 153 8.80 15.18 9.37
N THR A 154 9.94 15.87 9.23
CA THR A 154 9.95 17.30 9.34
C THR A 154 9.10 17.95 8.26
N PHE A 155 9.21 17.45 7.03
CA PHE A 155 8.34 17.99 5.97
C PHE A 155 6.87 17.85 6.36
N TRP A 156 6.46 16.65 6.79
CA TRP A 156 5.04 16.44 7.04
C TRP A 156 4.53 17.33 8.17
N ARG A 157 5.30 17.43 9.26
CA ARG A 157 4.85 18.28 10.37
C ARG A 157 4.91 19.76 10.03
N GLU A 158 5.84 20.20 9.18
CA GLU A 158 5.85 21.62 8.82
C GLU A 158 4.75 21.96 7.82
N SER A 159 4.46 21.04 6.89
CA SER A 159 3.47 21.26 5.84
C SER A 159 2.05 20.89 6.26
N CYS A 160 1.89 19.74 6.90
CA CYS A 160 0.57 19.21 7.23
C CYS A 160 0.21 19.39 8.69
N GLY A 161 1.17 19.67 9.56
CA GLY A 161 0.89 19.84 10.99
C GLY A 161 0.46 18.53 11.66
N ALA A 162 -0.55 18.63 12.54
CA ALA A 162 -1.05 17.44 13.23
C ALA A 162 -1.97 16.57 12.36
N ARG A 163 -2.26 17.02 11.14
CA ARG A 163 -3.14 16.28 10.26
C ARG A 163 -2.52 14.94 9.86
N CYS A 164 -3.36 13.91 9.82
CA CYS A 164 -2.89 12.58 9.47
C CYS A 164 -3.31 12.20 8.05
N VAL A 165 -4.10 13.03 7.38
CA VAL A 165 -4.55 12.73 6.03
C VAL A 165 -4.93 14.01 5.32
N LEU A 166 -4.67 14.06 4.01
CA LEU A 166 -4.91 15.22 3.17
C LEU A 166 -5.43 14.76 1.82
N PRO A 167 -6.33 15.52 1.21
CA PRO A 167 -6.68 15.27 -0.19
C PRO A 167 -5.43 15.36 -1.06
N TRP A 168 -5.41 14.56 -2.14
CA TRP A 168 -4.30 14.61 -3.07
C TRP A 168 -3.92 16.04 -3.50
N ALA A 169 -4.91 16.89 -3.84
CA ALA A 169 -4.57 18.20 -4.39
C ALA A 169 -3.74 19.04 -3.42
N GLU A 170 -4.16 19.08 -2.15
CA GLU A 170 -3.38 19.85 -1.20
C GLU A 170 -2.05 19.18 -0.92
N PHE A 171 -2.03 17.85 -0.83
CA PHE A 171 -0.75 17.18 -0.59
C PHE A 171 0.23 17.48 -1.71
N GLU A 172 -0.25 17.42 -2.96
CA GLU A 172 0.62 17.68 -4.10
C GLU A 172 1.16 19.11 -4.02
N SER A 173 0.31 20.08 -3.67
CA SER A 173 0.80 21.45 -3.57
C SER A 173 1.90 21.57 -2.50
N LEU A 174 1.68 20.92 -1.35
CA LEU A 174 2.67 20.99 -0.27
C LEU A 174 3.97 20.27 -0.66
N LEU A 175 3.86 19.04 -1.15
CA LEU A 175 5.04 18.31 -1.60
C LEU A 175 5.82 19.11 -2.62
N GLY A 176 5.11 19.77 -3.53
CA GLY A 176 5.72 20.51 -4.60
C GLY A 176 6.50 21.72 -4.15
N THR A 177 6.20 22.25 -2.95
CA THR A 177 7.12 23.27 -2.42
C THR A 177 8.53 22.73 -2.11
N CYS A 178 8.73 21.43 -2.16
CA CYS A 178 9.96 20.83 -1.67
C CYS A 178 10.54 19.90 -2.73
N HIS A 179 9.71 19.03 -3.29
CA HIS A 179 10.07 18.22 -4.45
C HIS A 179 9.07 18.53 -5.54
N PRO A 180 9.42 19.37 -6.51
CA PRO A 180 8.43 19.77 -7.53
C PRO A 180 7.91 18.58 -8.31
N VAL A 181 6.61 18.61 -8.57
CA VAL A 181 5.87 17.56 -9.25
C VAL A 181 5.45 18.08 -10.61
N GLU A 182 5.95 17.48 -11.68
CA GLU A 182 5.52 17.88 -13.02
C GLU A 182 4.03 17.61 -13.17
N PRO A 183 3.25 18.59 -13.62
CA PRO A 183 1.80 18.39 -13.70
C PRO A 183 1.43 17.43 -14.82
N GLY A 184 0.22 16.89 -14.71
CA GLY A 184 -0.31 16.03 -15.76
C GLY A 184 -0.04 14.56 -15.46
N CYS A 185 0.51 13.85 -16.45
CA CYS A 185 0.67 12.40 -16.31
C CYS A 185 1.62 12.05 -15.17
N THR A 186 2.66 12.84 -14.96
CA THR A 186 3.61 12.56 -13.90
C THR A 186 2.97 12.71 -12.51
N ALA A 187 2.24 13.80 -12.30
CA ALA A 187 1.47 13.95 -11.06
C ALA A 187 0.53 12.76 -10.85
N LEU A 188 -0.08 12.24 -11.92
CA LEU A 188 -1.05 11.17 -11.72
C LEU A 188 -0.36 9.85 -11.41
N ALA A 189 0.77 9.58 -12.08
CA ALA A 189 1.61 8.44 -11.71
C ALA A 189 2.08 8.53 -10.26
N LEU A 190 2.43 9.74 -9.78
CA LEU A 190 2.83 9.86 -8.38
C LEU A 190 1.66 9.59 -7.45
N ARG A 191 0.47 10.13 -7.77
CA ARG A 191 -0.70 9.84 -6.93
C ARG A 191 -0.92 8.33 -6.83
N THR A 192 -0.82 7.64 -7.96
CA THR A 192 -1.03 6.19 -8.00
C THR A 192 -0.03 5.45 -7.13
N THR A 193 1.26 5.83 -7.19
CA THR A 193 2.26 5.21 -6.34
C THR A 193 1.97 5.47 -4.86
N ILE A 194 1.66 6.72 -4.50
CA ILE A 194 1.59 7.04 -3.08
C ILE A 194 0.30 6.53 -2.44
N ASP A 195 -0.80 6.53 -3.19
CA ASP A 195 -2.13 6.26 -2.67
C ASP A 195 -2.34 4.75 -2.57
N LEU A 196 -1.74 4.15 -1.54
CA LEU A 196 -1.79 2.69 -1.34
C LEU A 196 -3.23 2.20 -1.20
N THR A 197 -4.06 2.96 -0.52
CA THR A 197 -5.41 2.49 -0.29
C THR A 197 -6.35 2.90 -1.40
N CYS A 198 -5.87 3.63 -2.41
CA CYS A 198 -6.71 3.97 -3.56
C CYS A 198 -7.94 4.79 -3.16
N SER A 199 -7.73 5.69 -2.20
CA SER A 199 -8.81 6.55 -1.71
C SER A 199 -8.72 7.99 -2.17
N GLY A 200 -7.73 8.33 -3.01
CA GLY A 200 -7.63 9.70 -3.45
C GLY A 200 -7.16 10.67 -2.37
N HIS A 201 -6.72 10.14 -1.22
CA HIS A 201 -6.16 10.90 -0.11
C HIS A 201 -4.85 10.28 0.29
N VAL A 202 -3.95 11.10 0.83
CA VAL A 202 -2.63 10.70 1.30
C VAL A 202 -2.64 10.81 2.82
N SER A 203 -2.38 9.69 3.48
CA SER A 203 -2.28 9.71 4.92
C SER A 203 -0.81 9.78 5.34
N ILE A 204 -0.60 10.16 6.59
CA ILE A 204 0.78 10.24 7.08
C ILE A 204 1.48 8.89 6.93
N PHE A 205 0.72 7.80 7.06
CA PHE A 205 1.27 6.45 6.92
C PHE A 205 1.69 6.18 5.47
N GLU A 206 0.85 6.54 4.52
CA GLU A 206 1.25 6.33 3.14
C GLU A 206 2.52 7.11 2.79
N PHE A 207 2.66 8.34 3.30
CA PHE A 207 3.85 9.13 3.03
C PHE A 207 5.09 8.52 3.67
N ASP A 208 4.94 8.01 4.90
CA ASP A 208 5.98 7.23 5.57
C ASP A 208 6.48 6.10 4.69
N VAL A 209 5.53 5.31 4.17
CA VAL A 209 5.92 4.17 3.33
C VAL A 209 6.62 4.65 2.06
N PHE A 210 6.09 5.68 1.41
CA PHE A 210 6.66 6.18 0.16
C PHE A 210 8.09 6.68 0.36
N THR A 211 8.31 7.49 1.40
CA THR A 211 9.64 8.02 1.68
C THR A 211 10.61 6.95 2.15
N ARG A 212 10.16 5.91 2.84
CA ARG A 212 11.06 4.79 3.11
C ARG A 212 11.43 4.07 1.81
N LEU A 213 10.42 3.76 0.98
CA LEU A 213 10.68 2.99 -0.24
C LEU A 213 11.59 3.73 -1.20
N PHE A 214 11.40 5.04 -1.33
CA PHE A 214 12.12 5.80 -2.36
C PHE A 214 13.18 6.73 -1.77
N GLN A 215 13.68 6.41 -0.59
CA GLN A 215 14.83 7.10 -0.04
C GLN A 215 16.01 7.00 -1.02
N PRO A 216 17.01 7.90 -0.90
CA PRO A 216 17.15 8.99 0.08
C PRO A 216 16.33 10.24 -0.24
N TRP A 217 15.89 10.91 0.84
CA TRP A 217 15.02 12.08 0.73
C TRP A 217 15.47 13.16 -0.25
N PRO A 218 16.73 13.60 -0.29
CA PRO A 218 17.07 14.79 -1.11
C PRO A 218 16.77 14.62 -2.59
N THR A 219 16.75 13.38 -3.10
CA THR A 219 16.45 13.08 -4.49
C THR A 219 15.17 12.24 -4.63
N LEU A 220 14.30 12.31 -3.62
CA LEU A 220 13.09 11.47 -3.54
C LEU A 220 12.40 11.19 -4.88
N LEU A 221 11.89 12.23 -5.54
CA LEU A 221 11.11 11.98 -6.75
C LEU A 221 12.00 11.49 -7.90
N LYS A 222 13.25 11.93 -7.95
CA LYS A 222 14.22 11.34 -8.87
C LYS A 222 14.34 9.83 -8.65
N ASN A 223 14.47 9.42 -7.39
CA ASN A 223 14.53 7.99 -7.08
C ASN A 223 13.28 7.29 -7.61
N TRP A 224 12.12 7.90 -7.37
CA TRP A 224 10.88 7.27 -7.78
C TRP A 224 10.84 7.14 -9.29
N GLN A 225 11.29 8.18 -10.00
CA GLN A 225 11.30 8.13 -11.46
C GLN A 225 12.22 7.04 -11.96
N LEU A 226 13.39 6.92 -11.33
CA LEU A 226 14.33 5.95 -11.85
C LEU A 226 13.96 4.56 -11.42
N LEU A 227 13.28 4.42 -10.28
CA LEU A 227 13.08 3.09 -9.75
C LEU A 227 11.70 2.53 -10.06
N ALA A 228 10.70 3.39 -10.21
CA ALA A 228 9.33 2.97 -10.46
C ALA A 228 8.90 3.30 -11.87
N VAL A 229 8.94 4.59 -12.25
CA VAL A 229 8.37 4.98 -13.54
C VAL A 229 9.19 4.44 -14.70
N ASN A 230 10.51 4.55 -14.61
CA ASN A 230 11.35 4.28 -15.76
C ASN A 230 12.03 2.91 -15.73
N HIS A 231 11.70 2.07 -14.74
CA HIS A 231 12.36 0.77 -14.56
C HIS A 231 11.46 -0.39 -14.93
N PRO A 232 11.86 -1.26 -15.87
CA PRO A 232 10.98 -2.36 -16.27
C PRO A 232 10.92 -3.50 -15.26
N GLY A 233 11.80 -3.51 -14.26
CA GLY A 233 11.70 -4.49 -13.18
C GLY A 233 10.67 -4.14 -12.13
N TYR A 234 10.24 -2.89 -12.07
CA TYR A 234 9.30 -2.46 -11.05
C TYR A 234 7.88 -2.92 -11.37
N MET A 235 7.26 -3.57 -10.40
CA MET A 235 5.89 -4.07 -10.55
C MET A 235 5.03 -3.43 -9.47
N ALA A 236 4.05 -2.62 -9.88
CA ALA A 236 3.16 -1.97 -8.93
C ALA A 236 2.01 -2.89 -8.56
N PHE A 237 1.65 -2.90 -7.27
CA PHE A 237 0.47 -3.63 -6.81
C PHE A 237 0.50 -5.09 -7.26
N LEU A 238 1.64 -5.75 -7.06
CA LEU A 238 1.77 -7.17 -7.37
C LEU A 238 1.96 -7.97 -6.08
N THR A 239 1.31 -9.12 -6.02
CA THR A 239 1.45 -10.04 -4.91
C THR A 239 2.63 -10.97 -5.11
N TYR A 240 3.00 -11.65 -4.01
CA TYR A 240 3.98 -12.73 -4.08
C TYR A 240 3.59 -13.77 -5.13
N ASP A 241 2.35 -14.26 -5.08
CA ASP A 241 1.95 -15.33 -5.99
C ASP A 241 2.02 -14.89 -7.45
N GLU A 242 1.69 -13.63 -7.70
CA GLU A 242 1.76 -13.12 -9.06
C GLU A 242 3.20 -12.99 -9.52
N VAL A 243 4.10 -12.61 -8.63
CA VAL A 243 5.51 -12.55 -9.01
C VAL A 243 5.99 -13.94 -9.37
N GLN A 244 5.62 -14.94 -8.57
CA GLN A 244 6.01 -16.31 -8.88
C GLN A 244 5.52 -16.72 -10.27
N GLU A 245 4.24 -16.50 -10.54
CA GLU A 245 3.70 -16.84 -11.85
C GLU A 245 4.45 -16.10 -12.95
N ARG A 246 4.69 -14.80 -12.77
CA ARG A 246 5.38 -14.01 -13.78
C ARG A 246 6.79 -14.53 -14.03
N LEU A 247 7.54 -14.83 -12.98
CA LEU A 247 8.92 -15.26 -13.15
C LEU A 247 9.04 -16.68 -13.68
N GLN A 248 7.97 -17.49 -13.56
CA GLN A 248 7.97 -18.81 -14.19
C GLN A 248 8.41 -18.76 -15.66
N ALA A 249 7.95 -17.74 -16.39
CA ALA A 249 8.25 -17.64 -17.81
C ALA A 249 9.70 -17.25 -18.08
N CYS A 250 10.45 -16.82 -17.06
CA CYS A 250 11.88 -16.53 -17.17
C CYS A 250 12.74 -17.55 -16.44
N ARG A 251 12.16 -18.70 -16.09
CA ARG A 251 12.89 -19.69 -15.29
C ARG A 251 14.17 -20.12 -15.98
N ASP A 252 14.16 -20.20 -17.31
CA ASP A 252 15.36 -20.57 -18.05
C ASP A 252 16.33 -19.41 -18.24
N LYS A 253 16.10 -18.26 -17.59
CA LYS A 253 17.00 -17.10 -17.70
C LYS A 253 17.42 -16.65 -16.30
N PRO A 254 18.42 -17.33 -15.72
CA PRO A 254 18.95 -16.91 -14.42
C PRO A 254 19.37 -15.44 -14.44
N GLY A 255 19.04 -14.72 -13.38
CA GLY A 255 19.28 -13.30 -13.32
C GLY A 255 18.09 -12.46 -13.71
N SER A 256 17.03 -13.07 -14.24
CA SER A 256 15.79 -12.34 -14.42
C SER A 256 15.26 -11.91 -13.06
N TYR A 257 14.74 -10.70 -12.97
CA TYR A 257 14.29 -10.25 -11.65
C TYR A 257 13.24 -9.17 -11.81
N ILE A 258 12.37 -9.07 -10.81
CA ILE A 258 11.45 -7.95 -10.68
C ILE A 258 11.42 -7.56 -9.21
N PHE A 259 10.99 -6.33 -8.94
CA PHE A 259 10.85 -5.89 -7.57
C PHE A 259 9.52 -5.18 -7.41
N ARG A 260 9.06 -5.13 -6.17
CA ARG A 260 7.74 -4.62 -5.84
C ARG A 260 7.77 -4.22 -4.39
N PRO A 261 6.92 -3.29 -3.96
CA PRO A 261 6.82 -3.02 -2.53
C PRO A 261 6.20 -4.23 -1.85
N SER A 262 6.79 -4.65 -0.73
CA SER A 262 6.21 -5.72 0.04
C SER A 262 4.82 -5.34 0.56
N CYS A 263 3.91 -6.31 0.61
CA CYS A 263 2.60 -6.09 1.21
C CYS A 263 2.60 -6.35 2.70
N THR A 264 3.55 -7.14 3.19
CA THR A 264 3.57 -7.53 4.59
C THR A 264 4.50 -6.68 5.42
N ARG A 265 5.61 -6.25 4.83
CA ARG A 265 6.59 -5.36 5.45
C ARG A 265 6.53 -4.01 4.74
N LEU A 266 5.49 -3.25 5.07
CA LEU A 266 5.21 -2.01 4.36
C LEU A 266 6.35 -1.02 4.53
N GLY A 267 6.76 -0.40 3.43
CA GLY A 267 7.94 0.44 3.42
C GLY A 267 9.22 -0.27 3.02
N GLN A 268 9.17 -1.58 2.82
CA GLN A 268 10.33 -2.34 2.38
C GLN A 268 10.04 -2.95 1.02
N TRP A 269 11.11 -3.28 0.30
CA TRP A 269 11.01 -3.88 -1.03
C TRP A 269 11.10 -5.39 -0.96
N ALA A 270 10.51 -6.04 -1.97
CA ALA A 270 10.60 -7.48 -2.20
C ALA A 270 11.09 -7.71 -3.61
N ILE A 271 12.22 -8.37 -3.74
CA ILE A 271 12.86 -8.64 -5.01
C ILE A 271 12.69 -10.12 -5.29
N GLY A 272 12.06 -10.45 -6.41
CA GLY A 272 11.99 -11.82 -6.88
C GLY A 272 12.97 -12.01 -8.03
N TYR A 273 13.71 -13.13 -7.99
CA TYR A 273 14.70 -13.35 -9.05
C TYR A 273 14.88 -14.85 -9.35
N VAL A 274 15.36 -15.12 -10.56
CA VAL A 274 15.63 -16.48 -11.02
C VAL A 274 17.08 -16.82 -10.64
N SER A 275 17.23 -17.80 -9.74
CA SER A 275 18.55 -18.25 -9.34
C SER A 275 19.21 -19.03 -10.47
N SER A 276 20.51 -19.27 -10.30
CA SER A 276 21.23 -20.13 -11.22
C SER A 276 20.69 -21.56 -11.25
N ASP A 277 19.81 -21.96 -10.32
CA ASP A 277 19.18 -23.27 -10.42
C ASP A 277 17.90 -23.26 -11.26
N GLY A 278 17.45 -22.10 -11.71
CA GLY A 278 16.16 -21.96 -12.32
C GLY A 278 15.03 -21.84 -11.32
N SER A 279 15.35 -21.80 -10.03
CA SER A 279 14.36 -21.62 -8.98
C SER A 279 14.09 -20.13 -8.79
N ILE A 280 12.93 -19.84 -8.20
CA ILE A 280 12.50 -18.46 -7.99
C ILE A 280 12.68 -18.15 -6.52
N LEU A 281 13.48 -17.12 -6.23
CA LEU A 281 13.78 -16.73 -4.87
C LEU A 281 13.24 -15.34 -4.63
N GLN A 282 12.92 -15.04 -3.38
CA GLN A 282 12.57 -13.68 -2.99
C GLN A 282 13.51 -13.22 -1.90
N THR A 283 13.93 -11.97 -1.98
CA THR A 283 14.79 -11.34 -1.00
C THR A 283 14.21 -9.98 -0.61
N ILE A 284 14.22 -9.70 0.69
CA ILE A 284 13.74 -8.43 1.23
C ILE A 284 14.95 -7.69 1.80
N PRO A 285 15.40 -6.62 1.16
CA PRO A 285 16.61 -5.93 1.61
C PRO A 285 16.40 -5.26 2.97
N ALA A 286 17.52 -4.92 3.59
CA ALA A 286 17.56 -4.34 4.93
C ALA A 286 17.01 -2.91 4.97
N ASN A 287 17.89 -1.95 5.23
CA ASN A 287 17.53 -0.53 5.23
C ASN A 287 18.26 0.23 4.13
N LYS A 288 19.01 -0.47 3.28
CA LYS A 288 19.70 0.17 2.17
C LYS A 288 18.69 0.74 1.17
N PRO A 289 19.01 1.84 0.52
CA PRO A 289 18.19 2.28 -0.61
C PRO A 289 18.14 1.17 -1.65
N LEU A 290 17.06 1.15 -2.42
CA LEU A 290 16.89 0.05 -3.36
C LEU A 290 18.00 0.05 -4.40
N SER A 291 18.40 1.23 -4.89
CA SER A 291 19.38 1.24 -5.96
C SER A 291 20.71 0.63 -5.52
N GLN A 292 21.07 0.75 -4.24
CA GLN A 292 22.29 0.10 -3.74
C GLN A 292 22.16 -1.43 -3.76
N VAL A 293 21.01 -1.95 -3.31
CA VAL A 293 20.78 -3.40 -3.36
C VAL A 293 20.81 -3.89 -4.80
N LEU A 294 20.18 -3.15 -5.71
CA LEU A 294 20.13 -3.56 -7.11
C LEU A 294 21.51 -3.51 -7.76
N LEU A 295 22.28 -2.46 -7.48
CA LEU A 295 23.60 -2.35 -8.09
C LEU A 295 24.54 -3.41 -7.55
N GLU A 296 24.47 -3.72 -6.26
CA GLU A 296 25.30 -4.81 -5.74
C GLU A 296 24.86 -6.15 -6.30
N GLY A 297 23.55 -6.37 -6.48
CA GLY A 297 23.10 -7.62 -7.08
C GLY A 297 23.45 -7.75 -8.56
N GLN A 298 23.49 -6.62 -9.27
CA GLN A 298 23.99 -6.62 -10.64
C GLN A 298 25.47 -6.94 -10.67
N LYS A 299 26.26 -6.34 -9.76
CA LYS A 299 27.68 -6.63 -9.66
C LYS A 299 27.94 -8.07 -9.27
N ASP A 300 26.98 -8.70 -8.61
CA ASP A 300 27.13 -10.08 -8.14
C ASP A 300 26.44 -11.09 -9.04
N GLY A 301 25.76 -10.64 -10.10
CA GLY A 301 25.15 -11.53 -11.07
C GLY A 301 23.72 -11.93 -10.79
N PHE A 302 23.08 -11.40 -9.75
CA PHE A 302 21.76 -11.88 -9.40
C PHE A 302 20.65 -11.14 -10.12
N TYR A 303 20.82 -9.83 -10.31
CA TYR A 303 19.79 -8.93 -10.80
C TYR A 303 20.25 -8.36 -12.14
N LEU A 304 20.27 -9.20 -13.17
CA LEU A 304 20.78 -8.77 -14.46
C LEU A 304 19.71 -8.40 -15.46
N TYR A 305 18.56 -9.08 -15.45
CA TYR A 305 17.57 -8.95 -16.51
C TYR A 305 16.23 -8.52 -15.94
N PRO A 306 15.93 -7.23 -15.93
CA PRO A 306 14.67 -6.75 -15.35
C PRO A 306 13.47 -7.26 -16.14
N ASP A 307 12.57 -7.95 -15.45
CA ASP A 307 11.43 -8.62 -16.08
C ASP A 307 11.88 -9.50 -17.23
N GLY A 308 13.09 -10.04 -17.12
CA GLY A 308 13.62 -10.88 -18.16
C GLY A 308 14.11 -10.14 -19.39
N LYS A 309 14.21 -8.82 -19.34
CA LYS A 309 14.69 -8.06 -20.48
C LYS A 309 16.22 -7.98 -20.46
N THR A 310 16.79 -7.71 -21.63
CA THR A 310 18.23 -7.84 -21.83
C THR A 310 19.03 -6.69 -21.20
N HIS A 311 18.51 -5.47 -21.28
CA HIS A 311 19.24 -4.29 -20.81
C HIS A 311 18.75 -3.89 -19.43
N ASN A 312 19.70 -3.72 -18.53
CA ASN A 312 19.42 -3.28 -17.17
C ASN A 312 19.63 -1.77 -17.10
N PRO A 313 18.63 -0.98 -16.69
CA PRO A 313 18.83 0.48 -16.60
C PRO A 313 20.01 0.83 -15.71
N ASP A 314 20.69 1.91 -16.07
CA ASP A 314 21.79 2.41 -15.25
C ASP A 314 21.23 3.17 -14.06
N LEU A 315 21.54 2.72 -12.85
CA LEU A 315 21.08 3.34 -11.62
C LEU A 315 22.09 4.32 -11.03
N THR A 316 23.23 4.52 -11.68
CA THR A 316 24.18 5.50 -11.19
C THR A 316 23.69 6.93 -11.44
N GLU A 317 22.94 7.15 -12.51
CA GLU A 317 22.66 8.50 -13.01
C GLU A 317 21.24 8.91 -12.62
N LEU A 318 21.14 9.99 -11.84
CA LEU A 318 19.84 10.55 -11.45
C LEU A 318 19.49 11.81 -12.24
#